data_1PQW
#
_entry.id   1PQW
#
_cell.length_a   69.830
_cell.length_b   78.391
_cell.length_c   81.604
_cell.angle_alpha   90.00
_cell.angle_beta   90.00
_cell.angle_gamma   90.00
#
_symmetry.space_group_name_H-M   'P 21 21 21'
#
loop_
_entity.id
_entity.type
_entity.pdbx_description
1 polymer 'polyketide synthase'
2 non-polymer 'CALCIUM ION'
3 water water
#
_entity_poly.entity_id   1
_entity_poly.type   'polypeptide(L)'
_entity_poly.pdbx_seq_one_letter_code
;SDLVVPIPDTLADNEAATFGVAYLTAWHSLCEVGRLSPGERVLIHSATGGVGMAAVSIAKMIGARIYTTAGSDAKREMLS
RLGVEYVGDSRSVDFADEILELTDGYGVDVVLNSLAGEAIQRGVQILAPGGRFIELGKKDVYADASLGLAALAKSASFSV
VDLDLNLKLQPARYRQLLQHILQHVADGKLEVLPVTAF
;
_entity_poly.pdbx_strand_id   A,B
#
# COMPACT_ATOMS: atom_id res chain seq x y z
N ASN A 14 -20.33 -22.07 -2.45
CA ASN A 14 -19.59 -23.39 -2.46
C ASN A 14 -18.44 -23.29 -3.45
N GLU A 15 -18.63 -23.68 -4.70
CA GLU A 15 -17.59 -23.41 -5.72
C GLU A 15 -17.73 -21.98 -6.19
N ALA A 16 -18.82 -21.36 -5.72
CA ALA A 16 -19.15 -19.99 -5.99
C ALA A 16 -18.41 -19.13 -4.97
N ALA A 17 -18.16 -19.69 -3.79
CA ALA A 17 -17.41 -18.92 -2.81
C ALA A 17 -15.92 -18.97 -3.10
N THR A 18 -15.40 -20.12 -3.52
CA THR A 18 -13.96 -20.24 -3.81
C THR A 18 -13.54 -19.30 -4.92
N PHE A 19 -14.38 -19.16 -5.95
CA PHE A 19 -14.09 -18.26 -7.07
C PHE A 19 -14.09 -16.81 -6.59
N GLY A 20 -15.12 -16.46 -5.83
CA GLY A 20 -15.24 -15.10 -5.32
C GLY A 20 -14.08 -14.76 -4.42
N VAL A 21 -13.73 -15.67 -3.53
CA VAL A 21 -12.63 -15.47 -2.61
C VAL A 21 -11.31 -15.35 -3.37
N ALA A 22 -11.15 -16.13 -4.43
CA ALA A 22 -9.93 -16.08 -5.22
C ALA A 22 -9.84 -14.80 -6.05
N TYR A 23 -10.96 -14.33 -6.58
CA TYR A 23 -10.92 -13.13 -7.39
C TYR A 23 -10.93 -11.84 -6.59
N LEU A 24 -11.56 -11.87 -5.43
CA LEU A 24 -11.61 -10.70 -4.57
C LEU A 24 -10.20 -10.47 -4.01
N THR A 25 -9.51 -11.55 -3.64
CA THR A 25 -8.15 -11.44 -3.11
C THR A 25 -7.13 -10.96 -4.17
N ALA A 26 -7.21 -11.51 -5.37
CA ALA A 26 -6.30 -11.11 -6.44
C ALA A 26 -6.56 -9.68 -6.88
N TRP A 27 -7.83 -9.30 -6.96
CA TRP A 27 -8.18 -7.95 -7.39
C TRP A 27 -7.80 -6.91 -6.34
N HIS A 28 -8.19 -7.16 -5.09
CA HIS A 28 -7.87 -6.25 -3.99
C HIS A 28 -6.36 -6.10 -3.83
N SER A 29 -5.62 -7.21 -3.91
CA SER A 29 -4.17 -7.19 -3.75
C SER A 29 -3.44 -6.45 -4.87
N LEU A 30 -3.81 -6.76 -6.12
CA LEU A 30 -3.17 -6.17 -7.28
C LEU A 30 -3.64 -4.80 -7.71
N CYS A 31 -4.95 -4.55 -7.70
CA CYS A 31 -5.47 -3.27 -8.14
C CYS A 31 -5.60 -2.16 -7.09
N GLU A 32 -6.02 -2.52 -5.89
CA GLU A 32 -6.19 -1.53 -4.85
C GLU A 32 -4.94 -1.30 -3.98
N VAL A 33 -4.33 -2.39 -3.52
CA VAL A 33 -3.15 -2.29 -2.65
C VAL A 33 -1.84 -2.28 -3.43
N GLY A 34 -1.82 -2.96 -4.57
CA GLY A 34 -0.62 -3.03 -5.37
C GLY A 34 -0.52 -1.95 -6.45
N ARG A 35 -1.63 -1.30 -6.79
CA ARG A 35 -1.62 -0.25 -7.81
C ARG A 35 -0.99 -0.76 -9.11
N LEU A 36 -1.04 -2.06 -9.36
CA LEU A 36 -0.45 -2.63 -10.57
C LEU A 36 -0.92 -1.90 -11.83
N SER A 37 0.00 -1.25 -12.53
CA SER A 37 -0.37 -0.55 -13.74
C SER A 37 0.29 -1.21 -14.97
N PRO A 38 -0.20 -0.88 -16.18
CA PRO A 38 0.30 -1.42 -17.45
C PRO A 38 1.82 -1.48 -17.58
N GLY A 39 2.34 -2.63 -18.00
CA GLY A 39 3.77 -2.77 -18.18
C GLY A 39 4.61 -2.98 -16.93
N GLU A 40 4.00 -2.91 -15.75
CA GLU A 40 4.77 -3.13 -14.55
C GLU A 40 5.01 -4.63 -14.43
N ARG A 41 6.04 -5.00 -13.66
CA ARG A 41 6.37 -6.39 -13.47
C ARG A 41 5.75 -6.89 -12.17
N VAL A 42 5.04 -7.99 -12.26
CA VAL A 42 4.40 -8.56 -11.09
C VAL A 42 4.86 -10.01 -10.95
N LEU A 43 5.33 -10.36 -9.77
CA LEU A 43 5.77 -11.72 -9.50
C LEU A 43 4.63 -12.39 -8.75
N ILE A 44 4.09 -13.46 -9.32
CA ILE A 44 3.01 -14.18 -8.68
C ILE A 44 3.49 -15.59 -8.30
N HIS A 45 3.58 -15.86 -7.00
CA HIS A 45 4.01 -17.16 -6.53
C HIS A 45 2.83 -18.15 -6.49
N SER A 46 3.12 -19.42 -6.74
CA SER A 46 2.08 -20.46 -6.73
C SER A 46 0.93 -20.06 -7.66
N ALA A 47 1.28 -19.50 -8.81
CA ALA A 47 0.32 -19.02 -9.80
C ALA A 47 -0.75 -20.00 -10.26
N THR A 48 -0.52 -21.29 -10.04
CA THR A 48 -1.48 -22.31 -10.45
C THR A 48 -2.63 -22.45 -9.46
N GLY A 49 -2.47 -21.90 -8.26
CA GLY A 49 -3.53 -21.97 -7.27
C GLY A 49 -4.70 -21.06 -7.63
N GLY A 50 -5.81 -21.22 -6.91
CA GLY A 50 -6.97 -20.41 -7.18
C GLY A 50 -6.65 -18.92 -7.27
N VAL A 51 -6.11 -18.36 -6.19
CA VAL A 51 -5.73 -16.96 -6.13
C VAL A 51 -4.67 -16.65 -7.20
N GLY A 52 -3.75 -17.58 -7.39
CA GLY A 52 -2.68 -17.41 -8.37
C GLY A 52 -3.16 -17.23 -9.80
N MET A 53 -4.07 -18.07 -10.26
CA MET A 53 -4.57 -17.95 -11.63
C MET A 53 -5.45 -16.72 -11.77
N ALA A 54 -6.09 -16.33 -10.67
CA ALA A 54 -6.94 -15.16 -10.69
C ALA A 54 -6.04 -13.94 -10.90
N ALA A 55 -4.90 -13.95 -10.21
CA ALA A 55 -3.92 -12.87 -10.29
C ALA A 55 -3.34 -12.79 -11.69
N VAL A 56 -3.06 -13.95 -12.28
CA VAL A 56 -2.53 -13.95 -13.63
C VAL A 56 -3.59 -13.39 -14.56
N SER A 57 -4.82 -13.88 -14.44
CA SER A 57 -5.92 -13.42 -15.27
C SER A 57 -6.08 -11.89 -15.21
N ILE A 58 -6.17 -11.36 -13.99
CA ILE A 58 -6.31 -9.92 -13.80
C ILE A 58 -5.08 -9.19 -14.34
N ALA A 59 -3.91 -9.78 -14.11
CA ALA A 59 -2.65 -9.19 -14.59
C ALA A 59 -2.68 -9.05 -16.12
N LYS A 60 -3.27 -10.02 -16.81
CA LYS A 60 -3.36 -9.96 -18.26
C LYS A 60 -4.35 -8.88 -18.67
N MET A 61 -5.37 -8.66 -17.85
CA MET A 61 -6.35 -7.62 -18.16
C MET A 61 -5.60 -6.30 -18.12
N ILE A 62 -4.87 -6.09 -17.02
CA ILE A 62 -4.10 -4.85 -16.82
C ILE A 62 -3.00 -4.63 -17.85
N GLY A 63 -2.32 -5.72 -18.25
CA GLY A 63 -1.27 -5.58 -19.24
C GLY A 63 0.11 -5.52 -18.60
N ALA A 64 0.24 -6.20 -17.46
CA ALA A 64 1.51 -6.22 -16.76
C ALA A 64 2.44 -7.32 -17.27
N ARG A 65 3.70 -7.24 -16.86
CA ARG A 65 4.69 -8.24 -17.23
C ARG A 65 4.60 -9.28 -16.09
N ILE A 66 4.18 -10.48 -16.46
CA ILE A 66 3.96 -11.54 -15.49
C ILE A 66 5.09 -12.56 -15.25
N TYR A 67 5.58 -12.57 -14.02
CA TYR A 67 6.61 -13.52 -13.61
C TYR A 67 5.92 -14.47 -12.64
N THR A 68 6.04 -15.77 -12.87
CA THR A 68 5.37 -16.73 -12.00
C THR A 68 6.28 -17.75 -11.33
N THR A 69 5.66 -18.62 -10.54
CA THR A 69 6.38 -19.65 -9.79
C THR A 69 5.41 -20.81 -9.50
N ALA A 70 5.91 -22.05 -9.50
CA ALA A 70 5.07 -23.24 -9.25
C ALA A 70 5.89 -24.43 -8.73
N GLY A 71 5.21 -25.37 -8.06
CA GLY A 71 5.88 -26.51 -7.43
C GLY A 71 6.20 -27.77 -8.29
N SER A 72 5.51 -28.02 -9.39
CA SER A 72 5.79 -29.21 -10.19
C SER A 72 6.02 -28.87 -11.65
N ASP A 73 6.59 -29.81 -12.39
CA ASP A 73 6.87 -29.59 -13.82
C ASP A 73 5.61 -29.32 -14.62
N ALA A 74 4.59 -30.14 -14.39
CA ALA A 74 3.31 -30.02 -15.09
C ALA A 74 2.68 -28.65 -14.87
N LYS A 75 2.70 -28.18 -13.62
CA LYS A 75 2.12 -26.88 -13.31
C LYS A 75 2.96 -25.76 -13.90
N ARG A 76 4.28 -25.90 -13.86
CA ARG A 76 5.17 -24.90 -14.42
C ARG A 76 5.02 -24.87 -15.92
N GLU A 77 4.88 -26.05 -16.52
CA GLU A 77 4.75 -26.16 -17.97
C GLU A 77 3.42 -25.55 -18.39
N MET A 78 2.40 -25.73 -17.55
CA MET A 78 1.07 -25.21 -17.83
C MET A 78 1.02 -23.67 -17.74
N LEU A 79 1.96 -23.08 -17.00
CA LEU A 79 2.04 -21.63 -16.86
C LEU A 79 2.74 -21.04 -18.08
N SER A 80 3.75 -21.74 -18.58
CA SER A 80 4.49 -21.25 -19.74
C SER A 80 3.64 -21.30 -21.00
N ARG A 81 2.54 -22.03 -20.97
CA ARG A 81 1.65 -22.12 -22.12
C ARG A 81 0.73 -20.91 -22.14
N LEU A 82 0.58 -20.26 -20.98
CA LEU A 82 -0.25 -19.07 -20.85
C LEU A 82 0.50 -17.85 -21.39
N GLY A 83 1.76 -18.05 -21.75
CA GLY A 83 2.56 -16.95 -22.26
C GLY A 83 2.97 -15.93 -21.22
N VAL A 84 3.77 -16.35 -20.24
CA VAL A 84 4.26 -15.46 -19.21
C VAL A 84 5.76 -15.28 -19.43
N GLU A 85 6.32 -14.16 -18.97
CA GLU A 85 7.74 -13.89 -19.18
C GLU A 85 8.71 -14.72 -18.32
N TYR A 86 8.19 -15.44 -17.33
CA TYR A 86 9.02 -16.24 -16.45
C TYR A 86 8.23 -17.24 -15.64
N VAL A 87 8.83 -18.40 -15.40
CA VAL A 87 8.22 -19.45 -14.61
C VAL A 87 9.29 -20.07 -13.75
N GLY A 88 9.28 -19.76 -12.46
CA GLY A 88 10.26 -20.30 -11.54
C GLY A 88 9.72 -21.40 -10.62
N ASP A 89 10.61 -21.92 -9.78
CA ASP A 89 10.28 -23.00 -8.83
C ASP A 89 9.81 -22.38 -7.51
N SER A 90 8.59 -22.71 -7.09
CA SER A 90 8.06 -22.17 -5.84
C SER A 90 8.69 -22.78 -4.60
N ARG A 91 9.32 -23.94 -4.74
CA ARG A 91 9.95 -24.61 -3.61
C ARG A 91 11.38 -24.14 -3.44
N SER A 92 11.79 -23.17 -4.25
CA SER A 92 13.15 -22.66 -4.19
C SER A 92 13.21 -21.14 -4.02
N VAL A 93 14.44 -20.65 -3.83
CA VAL A 93 14.70 -19.23 -3.66
C VAL A 93 15.49 -18.75 -4.87
N ASP A 94 15.75 -19.69 -5.78
CA ASP A 94 16.49 -19.40 -7.01
C ASP A 94 15.84 -18.31 -7.84
N PHE A 95 14.53 -18.16 -7.72
CA PHE A 95 13.79 -17.16 -8.49
C PHE A 95 14.34 -15.74 -8.35
N ALA A 96 14.81 -15.39 -7.16
CA ALA A 96 15.33 -14.04 -6.94
C ALA A 96 16.47 -13.69 -7.92
N ASP A 97 17.48 -14.54 -8.00
CA ASP A 97 18.59 -14.30 -8.92
C ASP A 97 18.19 -14.48 -10.37
N GLU A 98 17.31 -15.45 -10.63
CA GLU A 98 16.88 -15.71 -11.98
C GLU A 98 16.16 -14.49 -12.55
N ILE A 99 15.36 -13.84 -11.71
CA ILE A 99 14.62 -12.67 -12.16
C ILE A 99 15.54 -11.45 -12.29
N LEU A 100 16.49 -11.29 -11.37
CA LEU A 100 17.42 -10.17 -11.46
C LEU A 100 18.25 -10.31 -12.73
N GLU A 101 18.59 -11.55 -13.06
CA GLU A 101 19.40 -11.82 -14.24
C GLU A 101 18.58 -11.55 -15.50
N LEU A 102 17.28 -11.80 -15.41
CA LEU A 102 16.37 -11.62 -16.55
C LEU A 102 16.01 -10.15 -16.81
N THR A 103 16.10 -9.33 -15.77
CA THR A 103 15.76 -7.91 -15.88
C THR A 103 16.99 -7.04 -15.70
N ASP A 104 18.16 -7.65 -15.82
CA ASP A 104 19.44 -6.96 -15.67
C ASP A 104 19.57 -6.22 -14.34
N GLY A 105 18.84 -6.69 -13.33
CA GLY A 105 18.95 -6.06 -12.03
C GLY A 105 17.81 -5.18 -11.62
N TYR A 106 16.87 -4.95 -12.53
CA TYR A 106 15.71 -4.13 -12.21
C TYR A 106 14.91 -4.79 -11.11
N GLY A 107 14.53 -6.05 -11.36
CA GLY A 107 13.76 -6.79 -10.39
C GLY A 107 12.27 -6.81 -10.70
N VAL A 108 11.46 -6.54 -9.69
CA VAL A 108 10.01 -6.56 -9.84
C VAL A 108 9.36 -5.34 -9.19
N ASP A 109 8.16 -4.98 -9.66
CA ASP A 109 7.43 -3.84 -9.11
C ASP A 109 6.45 -4.24 -8.01
N VAL A 110 5.86 -5.42 -8.16
CA VAL A 110 4.95 -5.92 -7.13
C VAL A 110 5.05 -7.44 -7.00
N VAL A 111 5.05 -7.92 -5.77
CA VAL A 111 5.15 -9.32 -5.50
C VAL A 111 3.95 -9.85 -4.76
N LEU A 112 3.14 -10.66 -5.37
CA LEU A 112 2.02 -11.32 -4.70
C LEU A 112 2.57 -12.60 -4.03
N ASN A 113 2.90 -12.55 -2.74
CA ASN A 113 3.50 -13.66 -2.04
C ASN A 113 2.58 -14.53 -1.18
N SER A 114 2.79 -15.84 -1.27
CA SER A 114 2.04 -16.82 -0.47
C SER A 114 3.02 -17.88 0.01
N LEU A 115 4.31 -17.65 -0.25
CA LEU A 115 5.37 -18.57 0.17
C LEU A 115 5.92 -18.17 1.54
N ALA A 116 6.42 -19.17 2.27
CA ALA A 116 6.97 -18.94 3.59
C ALA A 116 8.49 -19.06 3.59
N GLY A 117 9.12 -18.67 4.70
CA GLY A 117 10.56 -18.76 4.82
C GLY A 117 11.41 -17.69 4.15
N GLU A 118 12.59 -18.11 3.71
CA GLU A 118 13.55 -17.23 3.05
C GLU A 118 12.96 -16.51 1.83
N ALA A 119 11.84 -17.01 1.31
CA ALA A 119 11.22 -16.39 0.16
C ALA A 119 10.73 -14.96 0.43
N ILE A 120 10.26 -14.70 1.64
CA ILE A 120 9.78 -13.37 1.98
C ILE A 120 10.93 -12.36 1.89
N GLN A 121 12.06 -12.69 2.51
CA GLN A 121 13.23 -11.81 2.49
C GLN A 121 13.73 -11.65 1.05
N ARG A 122 13.83 -12.76 0.34
CA ARG A 122 14.30 -12.75 -1.04
C ARG A 122 13.34 -11.97 -1.94
N GLY A 123 12.05 -12.08 -1.68
CA GLY A 123 11.07 -11.37 -2.48
C GLY A 123 11.19 -9.86 -2.34
N VAL A 124 11.32 -9.40 -1.10
CA VAL A 124 11.46 -7.97 -0.82
C VAL A 124 12.72 -7.44 -1.49
N GLN A 125 13.81 -8.19 -1.35
CA GLN A 125 15.08 -7.78 -1.94
C GLN A 125 15.05 -7.50 -3.44
N ILE A 126 14.15 -8.12 -4.19
CA ILE A 126 14.10 -7.88 -5.63
C ILE A 126 13.08 -6.83 -6.06
N LEU A 127 12.60 -6.04 -5.11
CA LEU A 127 11.65 -4.98 -5.41
C LEU A 127 12.43 -3.82 -6.02
N ALA A 128 11.93 -3.30 -7.13
CA ALA A 128 12.56 -2.17 -7.78
C ALA A 128 12.09 -0.94 -7.02
N PRO A 129 12.69 0.22 -7.27
CA PRO A 129 12.21 1.40 -6.53
C PRO A 129 10.70 1.56 -6.72
N GLY A 130 9.99 1.87 -5.64
CA GLY A 130 8.55 2.04 -5.68
C GLY A 130 7.83 0.71 -5.60
N GLY A 131 8.60 -0.34 -5.29
CA GLY A 131 8.07 -1.68 -5.19
C GLY A 131 7.06 -1.93 -4.09
N ARG A 132 6.16 -2.88 -4.36
CA ARG A 132 5.11 -3.24 -3.42
C ARG A 132 5.12 -4.75 -3.17
N PHE A 133 5.32 -5.13 -1.92
CA PHE A 133 5.33 -6.54 -1.55
C PHE A 133 4.01 -6.78 -0.84
N ILE A 134 3.29 -7.80 -1.28
CA ILE A 134 2.00 -8.11 -0.70
C ILE A 134 2.00 -9.50 -0.09
N GLU A 135 1.87 -9.54 1.23
CA GLU A 135 1.86 -10.79 1.99
C GLU A 135 0.47 -11.38 2.13
N LEU A 136 0.26 -12.57 1.59
CA LEU A 136 -1.04 -13.24 1.68
C LEU A 136 -0.94 -14.40 2.67
N GLY A 137 0.29 -14.74 3.04
CA GLY A 137 0.51 -15.84 3.97
C GLY A 137 -0.18 -15.66 5.32
N LYS A 138 -0.35 -16.77 6.04
CA LYS A 138 -0.98 -16.75 7.35
C LYS A 138 -0.05 -16.12 8.37
N LYS A 139 -0.63 -15.45 9.36
CA LYS A 139 0.10 -14.76 10.41
C LYS A 139 1.31 -15.51 10.98
N ASP A 140 1.34 -16.82 10.78
CA ASP A 140 2.44 -17.65 11.29
C ASP A 140 3.65 -17.68 10.38
N VAL A 141 3.52 -17.14 9.17
CA VAL A 141 4.63 -17.10 8.22
C VAL A 141 5.57 -15.93 8.50
N TYR A 142 5.11 -14.98 9.32
CA TYR A 142 5.92 -13.81 9.66
C TYR A 142 5.75 -13.41 11.13
N ALA A 143 4.96 -14.19 11.87
CA ALA A 143 4.68 -13.96 13.29
C ALA A 143 5.83 -13.35 14.10
N ASP A 144 6.81 -14.18 14.43
CA ASP A 144 7.96 -13.73 15.21
C ASP A 144 9.06 -13.10 14.34
N ALA A 145 8.76 -12.90 13.06
CA ALA A 145 9.72 -12.31 12.13
C ALA A 145 9.62 -10.79 12.06
N SER A 146 10.62 -10.17 11.44
CA SER A 146 10.66 -8.72 11.32
C SER A 146 11.31 -8.26 10.01
N LEU A 147 11.07 -7.00 9.64
CA LEU A 147 11.62 -6.46 8.40
C LEU A 147 12.52 -5.26 8.68
N GLY A 148 13.72 -5.27 8.09
CA GLY A 148 14.64 -4.17 8.28
C GLY A 148 14.21 -3.03 7.38
N LEU A 149 13.79 -1.91 7.97
CA LEU A 149 13.32 -0.77 7.19
C LEU A 149 14.26 -0.24 6.10
N ALA A 150 15.50 -0.71 6.06
CA ALA A 150 16.41 -0.24 5.03
C ALA A 150 16.00 -0.87 3.71
N ALA A 151 15.41 -2.05 3.78
CA ALA A 151 14.97 -2.79 2.59
C ALA A 151 13.87 -2.05 1.83
N LEU A 152 13.14 -1.18 2.51
CA LEU A 152 12.06 -0.42 1.89
C LEU A 152 12.47 1.00 1.50
N ALA A 153 13.71 1.38 1.82
CA ALA A 153 14.20 2.74 1.53
C ALA A 153 13.87 3.28 0.15
N LYS A 154 14.03 2.46 -0.89
CA LYS A 154 13.75 2.92 -2.24
C LYS A 154 12.25 3.02 -2.54
N SER A 155 11.55 3.86 -1.76
CA SER A 155 10.12 4.06 -1.93
C SER A 155 9.30 2.77 -2.01
N ALA A 156 9.71 1.74 -1.28
CA ALA A 156 9.02 0.45 -1.30
C ALA A 156 8.03 0.30 -0.15
N SER A 157 7.24 -0.76 -0.18
CA SER A 157 6.24 -1.00 0.85
C SER A 157 5.97 -2.48 1.09
N PHE A 158 5.49 -2.80 2.29
CA PHE A 158 5.16 -4.17 2.66
C PHE A 158 3.71 -4.14 3.12
N SER A 159 2.85 -4.86 2.41
CA SER A 159 1.43 -4.88 2.75
C SER A 159 0.89 -6.29 2.95
N VAL A 160 0.30 -6.52 4.13
CA VAL A 160 -0.31 -7.79 4.44
C VAL A 160 -1.79 -7.70 4.02
N VAL A 161 -2.30 -8.74 3.39
CA VAL A 161 -3.70 -8.77 2.98
C VAL A 161 -4.35 -10.04 3.50
N ASP A 162 -5.32 -9.87 4.40
CA ASP A 162 -6.04 -11.00 4.97
C ASP A 162 -7.50 -10.81 4.59
N LEU A 163 -7.86 -11.36 3.42
CA LEU A 163 -9.21 -11.22 2.88
C LEU A 163 -10.35 -11.71 3.79
N ASP A 164 -10.08 -12.75 4.58
CA ASP A 164 -11.10 -13.26 5.49
C ASP A 164 -11.50 -12.13 6.44
N LEU A 165 -10.50 -11.43 6.97
CA LEU A 165 -10.72 -10.31 7.88
C LEU A 165 -11.41 -9.11 7.23
N ASN A 166 -11.00 -8.79 6.01
CA ASN A 166 -11.58 -7.66 5.31
C ASN A 166 -13.07 -7.86 5.08
N LEU A 167 -13.46 -9.07 4.70
CA LEU A 167 -14.86 -9.39 4.43
C LEU A 167 -15.75 -9.12 5.63
N LYS A 168 -15.27 -9.48 6.82
CA LYS A 168 -16.03 -9.28 8.03
C LYS A 168 -16.17 -7.81 8.37
N LEU A 169 -15.07 -7.07 8.22
CA LEU A 169 -15.08 -5.64 8.54
C LEU A 169 -15.77 -4.76 7.52
N GLN A 170 -15.75 -5.14 6.24
CA GLN A 170 -16.40 -4.33 5.21
C GLN A 170 -17.18 -5.17 4.21
N PRO A 171 -18.12 -5.99 4.71
CA PRO A 171 -18.96 -6.88 3.89
C PRO A 171 -19.60 -6.20 2.68
N ALA A 172 -20.16 -5.02 2.91
CA ALA A 172 -20.81 -4.26 1.84
C ALA A 172 -19.86 -3.79 0.75
N ARG A 173 -18.67 -3.34 1.16
CA ARG A 173 -17.68 -2.86 0.19
C ARG A 173 -17.18 -3.98 -0.73
N TYR A 174 -17.20 -5.21 -0.21
CA TYR A 174 -16.75 -6.34 -0.99
C TYR A 174 -17.84 -6.95 -1.85
N ARG A 175 -19.09 -6.75 -1.45
CA ARG A 175 -20.18 -7.26 -2.27
C ARG A 175 -20.27 -6.46 -3.54
N GLN A 176 -19.94 -5.19 -3.44
CA GLN A 176 -20.01 -4.37 -4.63
C GLN A 176 -18.78 -4.60 -5.51
N LEU A 177 -17.65 -4.90 -4.83
CA LEU A 177 -16.46 -5.15 -5.61
C LEU A 177 -16.64 -6.48 -6.37
N LEU A 178 -17.29 -7.45 -5.72
CA LEU A 178 -17.54 -8.73 -6.36
C LEU A 178 -18.51 -8.55 -7.52
N GLN A 179 -19.49 -7.64 -7.42
CA GLN A 179 -20.37 -7.40 -8.59
C GLN A 179 -19.55 -6.71 -9.65
N HIS A 180 -18.68 -5.88 -9.14
CA HIS A 180 -17.91 -5.13 -10.11
C HIS A 180 -17.06 -6.08 -10.95
N ILE A 181 -16.44 -7.05 -10.30
CA ILE A 181 -15.58 -8.00 -11.00
C ILE A 181 -16.40 -8.90 -11.92
N LEU A 182 -17.51 -9.43 -11.43
CA LEU A 182 -18.37 -10.28 -12.23
C LEU A 182 -18.86 -9.53 -13.46
N GLN A 183 -19.18 -8.25 -13.29
CA GLN A 183 -19.64 -7.46 -14.43
C GLN A 183 -18.54 -7.46 -15.51
N HIS A 184 -17.28 -7.36 -15.08
CA HIS A 184 -16.15 -7.35 -16.00
C HIS A 184 -16.03 -8.67 -16.76
N VAL A 185 -16.16 -9.77 -16.04
CA VAL A 185 -16.08 -11.10 -16.63
C VAL A 185 -17.26 -11.26 -17.58
N ALA A 186 -18.46 -10.95 -17.06
CA ALA A 186 -19.68 -11.06 -17.83
C ALA A 186 -19.57 -10.39 -19.19
N ASP A 187 -19.01 -9.18 -19.20
CA ASP A 187 -18.87 -8.42 -20.43
C ASP A 187 -17.58 -8.67 -21.23
N GLY A 188 -16.76 -9.61 -20.78
CA GLY A 188 -15.53 -9.93 -21.50
C GLY A 188 -14.33 -9.02 -21.35
N LYS A 189 -14.32 -8.15 -20.35
CA LYS A 189 -13.20 -7.24 -20.12
C LYS A 189 -12.16 -7.93 -19.24
N LEU A 190 -12.52 -9.10 -18.72
CA LEU A 190 -11.66 -9.89 -17.86
C LEU A 190 -11.85 -11.37 -18.19
N GLU A 191 -10.80 -11.99 -18.70
CA GLU A 191 -10.86 -13.40 -19.08
C GLU A 191 -10.41 -14.32 -17.94
N VAL A 192 -11.31 -15.18 -17.47
CA VAL A 192 -10.98 -16.11 -16.39
C VAL A 192 -10.13 -17.27 -16.91
N LEU A 193 -8.82 -17.22 -16.65
CA LEU A 193 -7.91 -18.25 -17.10
C LEU A 193 -8.10 -19.56 -16.36
N PRO A 194 -8.00 -20.67 -17.25
CA PRO A 194 -8.21 -22.03 -16.68
C PRO A 194 -6.97 -22.79 -16.14
N VAL A 195 -7.21 -23.69 -15.29
CA VAL A 195 -6.16 -24.68 -15.05
C VAL A 195 -6.22 -25.73 -16.19
N THR A 196 -5.62 -26.94 -15.98
CA THR A 196 -5.82 -28.06 -16.89
C THR A 196 -5.68 -29.37 -16.14
N ALA B 17 9.23 23.70 2.81
CA ALA B 17 8.82 23.03 1.53
C ALA B 17 8.00 23.96 0.63
N THR B 18 8.29 23.92 -0.65
CA THR B 18 7.60 24.72 -1.65
C THR B 18 6.22 24.11 -1.87
N PHE B 19 5.38 24.77 -2.66
CA PHE B 19 4.05 24.23 -2.95
C PHE B 19 4.19 22.88 -3.64
N GLY B 20 5.03 22.82 -4.67
CA GLY B 20 5.24 21.60 -5.41
C GLY B 20 5.64 20.41 -4.57
N VAL B 21 6.65 20.60 -3.71
CA VAL B 21 7.13 19.53 -2.84
C VAL B 21 6.09 19.16 -1.79
N ALA B 22 5.41 20.16 -1.24
CA ALA B 22 4.40 19.92 -0.22
C ALA B 22 3.21 19.11 -0.73
N TYR B 23 2.58 19.59 -1.79
CA TYR B 23 1.38 18.93 -2.36
C TYR B 23 1.69 17.62 -3.06
N LEU B 24 2.83 17.53 -3.74
CA LEU B 24 3.17 16.30 -4.43
C LEU B 24 3.41 15.23 -3.36
N THR B 25 4.11 15.59 -2.29
CA THR B 25 4.38 14.64 -1.21
C THR B 25 3.08 14.19 -0.53
N ALA B 26 2.24 15.16 -0.18
CA ALA B 26 0.98 14.91 0.50
C ALA B 26 -0.05 14.14 -0.33
N TRP B 27 -0.22 14.54 -1.59
CA TRP B 27 -1.19 13.88 -2.46
C TRP B 27 -0.77 12.45 -2.80
N HIS B 28 0.50 12.26 -3.13
CA HIS B 28 0.99 10.92 -3.46
C HIS B 28 0.95 10.00 -2.23
N SER B 29 1.13 10.56 -1.03
CA SER B 29 1.10 9.77 0.19
C SER B 29 -0.31 9.50 0.72
N LEU B 30 -1.20 10.47 0.60
CA LEU B 30 -2.55 10.29 1.10
C LEU B 30 -3.53 9.68 0.10
N CYS B 31 -3.40 10.05 -1.17
CA CYS B 31 -4.30 9.54 -2.18
C CYS B 31 -3.83 8.28 -2.91
N GLU B 32 -2.65 8.33 -3.53
CA GLU B 32 -2.18 7.16 -4.23
C GLU B 32 -1.74 6.06 -3.25
N VAL B 33 -0.70 6.29 -2.46
CA VAL B 33 -0.24 5.28 -1.52
C VAL B 33 -1.22 5.04 -0.37
N GLY B 34 -1.60 6.10 0.32
CA GLY B 34 -2.50 5.97 1.46
C GLY B 34 -3.96 5.60 1.21
N ARG B 35 -4.49 5.98 0.06
CA ARG B 35 -5.88 5.65 -0.28
C ARG B 35 -6.89 6.24 0.70
N LEU B 36 -6.57 7.39 1.30
CA LEU B 36 -7.45 8.05 2.25
C LEU B 36 -8.88 8.11 1.69
N SER B 37 -9.86 7.78 2.53
CA SER B 37 -11.25 7.78 2.10
C SER B 37 -12.16 8.59 3.01
N PRO B 38 -13.29 9.09 2.47
CA PRO B 38 -14.24 9.86 3.26
C PRO B 38 -14.53 9.18 4.60
N GLY B 39 -14.36 9.92 5.69
CA GLY B 39 -14.63 9.35 7.01
C GLY B 39 -13.48 8.62 7.68
N GLU B 40 -12.49 8.17 6.91
CA GLU B 40 -11.37 7.46 7.52
C GLU B 40 -10.62 8.42 8.45
N ARG B 41 -9.84 7.85 9.37
CA ARG B 41 -9.07 8.67 10.31
C ARG B 41 -7.62 8.74 9.87
N VAL B 42 -7.09 9.95 9.82
CA VAL B 42 -5.71 10.13 9.42
C VAL B 42 -4.94 10.95 10.45
N LEU B 43 -3.80 10.41 10.86
CA LEU B 43 -2.93 11.06 11.82
C LEU B 43 -1.85 11.75 10.99
N ILE B 44 -1.73 13.06 11.13
CA ILE B 44 -0.71 13.82 10.40
C ILE B 44 0.21 14.49 11.39
N HIS B 45 1.45 13.99 11.50
CA HIS B 45 2.42 14.56 12.42
C HIS B 45 2.99 15.88 11.91
N SER B 46 3.37 16.75 12.83
CA SER B 46 3.94 18.05 12.51
C SER B 46 3.09 18.75 11.45
N ALA B 47 1.78 18.69 11.64
CA ALA B 47 0.79 19.24 10.71
C ALA B 47 0.94 20.70 10.28
N THR B 48 1.67 21.51 11.04
CA THR B 48 1.83 22.93 10.68
C THR B 48 2.94 23.17 9.69
N GLY B 49 3.68 22.12 9.32
CA GLY B 49 4.74 22.28 8.34
C GLY B 49 4.17 22.35 6.93
N GLY B 50 5.04 22.45 5.94
CA GLY B 50 4.58 22.52 4.56
C GLY B 50 3.80 21.30 4.12
N VAL B 51 4.45 20.13 4.16
CA VAL B 51 3.81 18.87 3.78
C VAL B 51 2.62 18.62 4.71
N GLY B 52 2.82 18.89 6.00
CA GLY B 52 1.76 18.69 6.96
C GLY B 52 0.49 19.45 6.64
N MET B 53 0.62 20.73 6.28
CA MET B 53 -0.55 21.56 5.96
C MET B 53 -1.17 21.17 4.62
N ALA B 54 -0.36 20.76 3.66
CA ALA B 54 -0.92 20.33 2.39
C ALA B 54 -1.71 19.07 2.71
N ALA B 55 -1.17 18.26 3.62
CA ALA B 55 -1.83 17.02 4.04
C ALA B 55 -3.19 17.33 4.67
N VAL B 56 -3.26 18.34 5.52
CA VAL B 56 -4.54 18.68 6.16
C VAL B 56 -5.55 19.18 5.12
N SER B 57 -5.08 19.95 4.15
CA SER B 57 -5.95 20.48 3.11
C SER B 57 -6.58 19.34 2.30
N ILE B 58 -5.75 18.40 1.88
CA ILE B 58 -6.21 17.26 1.11
C ILE B 58 -7.19 16.41 1.92
N ALA B 59 -6.93 16.26 3.22
CA ALA B 59 -7.80 15.49 4.09
C ALA B 59 -9.15 16.20 4.18
N LYS B 60 -9.10 17.52 4.29
CA LYS B 60 -10.31 18.32 4.37
C LYS B 60 -11.16 18.06 3.12
N MET B 61 -10.52 18.19 1.95
CA MET B 61 -11.21 17.96 0.67
C MET B 61 -11.84 16.58 0.63
N ILE B 62 -11.08 15.57 1.03
CA ILE B 62 -11.57 14.19 1.02
C ILE B 62 -12.72 13.99 2.00
N GLY B 63 -12.61 14.60 3.19
CA GLY B 63 -13.66 14.46 4.17
C GLY B 63 -13.23 13.50 5.27
N ALA B 64 -11.92 13.38 5.45
CA ALA B 64 -11.35 12.50 6.47
C ALA B 64 -11.38 13.16 7.84
N ARG B 65 -11.34 12.34 8.89
CA ARG B 65 -11.28 12.84 10.28
C ARG B 65 -9.78 13.12 10.54
N ILE B 66 -9.45 14.29 11.02
CA ILE B 66 -8.05 14.60 11.13
C ILE B 66 -7.47 14.63 12.52
N TYR B 67 -6.40 13.87 12.70
CA TYR B 67 -5.69 13.80 13.97
C TYR B 67 -4.30 14.38 13.68
N THR B 68 -3.92 15.38 14.46
CA THR B 68 -2.64 16.05 14.24
C THR B 68 -1.66 16.04 15.39
N THR B 69 -0.50 16.62 15.11
CA THR B 69 0.59 16.69 16.07
C THR B 69 1.47 17.92 15.71
N ALA B 70 1.89 18.67 16.71
CA ALA B 70 2.73 19.87 16.49
C ALA B 70 3.73 20.06 17.63
N GLY B 71 4.88 20.70 17.31
CA GLY B 71 5.96 20.88 18.29
C GLY B 71 5.96 22.09 19.25
N SER B 72 4.84 22.77 19.46
CA SER B 72 4.82 23.92 20.38
C SER B 72 3.38 24.36 20.63
N ASP B 73 3.17 25.20 21.63
CA ASP B 73 1.83 25.69 21.95
C ASP B 73 1.23 26.51 20.82
N ALA B 74 2.01 27.46 20.32
CA ALA B 74 1.58 28.32 19.23
C ALA B 74 1.14 27.51 18.01
N LYS B 75 1.89 26.45 17.71
CA LYS B 75 1.57 25.61 16.56
C LYS B 75 0.35 24.73 16.80
N ARG B 76 0.17 24.27 18.03
CA ARG B 76 -0.98 23.44 18.34
C ARG B 76 -2.23 24.31 18.36
N GLU B 77 -2.07 25.56 18.80
CA GLU B 77 -3.20 26.46 18.84
C GLU B 77 -3.64 26.74 17.42
N MET B 78 -2.68 26.85 16.51
CA MET B 78 -2.98 27.10 15.10
C MET B 78 -3.74 25.93 14.48
N LEU B 79 -3.38 24.71 14.86
CA LEU B 79 -4.05 23.53 14.34
C LEU B 79 -5.49 23.45 14.83
N SER B 80 -5.70 23.86 16.07
CA SER B 80 -7.02 23.83 16.68
C SER B 80 -8.04 24.75 16.02
N ARG B 81 -7.61 25.89 15.53
CA ARG B 81 -8.51 26.83 14.91
C ARG B 81 -8.98 26.32 13.53
N LEU B 82 -8.24 25.35 12.95
CA LEU B 82 -8.57 24.71 11.67
C LEU B 82 -9.75 23.77 11.87
N GLY B 83 -10.00 23.41 13.12
CA GLY B 83 -11.10 22.51 13.41
C GLY B 83 -10.76 21.08 13.04
N VAL B 84 -10.00 20.41 13.91
CA VAL B 84 -9.61 19.03 13.68
C VAL B 84 -10.02 18.18 14.89
N GLU B 85 -9.84 16.87 14.76
CA GLU B 85 -10.22 15.93 15.82
C GLU B 85 -9.30 15.88 17.01
N TYR B 86 -8.01 16.12 16.78
CA TYR B 86 -7.05 16.02 17.87
C TYR B 86 -5.76 16.77 17.57
N VAL B 87 -5.17 17.35 18.61
CA VAL B 87 -3.92 18.08 18.46
C VAL B 87 -3.00 17.70 19.62
N GLY B 88 -2.09 16.75 19.35
CA GLY B 88 -1.17 16.30 20.37
C GLY B 88 0.21 16.90 20.26
N ASP B 89 1.14 16.39 21.07
CA ASP B 89 2.52 16.88 21.10
C ASP B 89 3.47 15.98 20.28
N SER B 90 4.14 16.56 19.28
CA SER B 90 5.08 15.81 18.43
C SER B 90 6.44 15.55 19.06
N ARG B 91 6.70 16.17 20.21
CA ARG B 91 7.97 15.96 20.89
C ARG B 91 7.74 14.91 21.98
N SER B 92 6.61 14.23 21.86
CA SER B 92 6.24 13.18 22.78
C SER B 92 5.76 11.96 22.01
N VAL B 93 5.38 10.93 22.74
CA VAL B 93 4.92 9.70 22.14
C VAL B 93 3.56 9.36 22.76
N ASP B 94 3.11 10.24 23.65
CA ASP B 94 1.82 10.08 24.33
C ASP B 94 0.65 10.03 23.34
N PHE B 95 0.87 10.60 22.16
CA PHE B 95 -0.17 10.65 21.14
C PHE B 95 -0.80 9.30 20.83
N ALA B 96 -0.06 8.22 21.07
CA ALA B 96 -0.59 6.88 20.79
C ALA B 96 -1.75 6.51 21.72
N ASP B 97 -1.56 6.72 23.02
CA ASP B 97 -2.61 6.39 23.98
C ASP B 97 -3.75 7.42 23.93
N GLU B 98 -3.39 8.68 23.69
CA GLU B 98 -4.40 9.72 23.64
C GLU B 98 -5.38 9.47 22.50
N ILE B 99 -4.89 8.93 21.40
CA ILE B 99 -5.75 8.65 20.27
C ILE B 99 -6.56 7.38 20.47
N LEU B 100 -5.94 6.35 21.04
CA LEU B 100 -6.67 5.11 21.30
C LEU B 100 -7.79 5.43 22.25
N GLU B 101 -7.49 6.26 23.24
CA GLU B 101 -8.48 6.65 24.22
C GLU B 101 -9.56 7.51 23.58
N LEU B 102 -9.16 8.42 22.70
CA LEU B 102 -10.11 9.31 22.04
C LEU B 102 -10.97 8.57 21.02
N THR B 103 -10.41 7.56 20.36
CA THR B 103 -11.13 6.80 19.34
C THR B 103 -11.71 5.49 19.84
N ASP B 104 -11.76 5.30 21.14
CA ASP B 104 -12.29 4.07 21.73
C ASP B 104 -11.60 2.81 21.26
N GLY B 105 -10.28 2.86 21.16
CA GLY B 105 -9.52 1.71 20.74
C GLY B 105 -9.46 1.43 19.25
N TYR B 106 -10.16 2.21 18.44
CA TYR B 106 -10.14 1.98 17.00
C TYR B 106 -8.75 2.30 16.45
N GLY B 107 -8.19 3.40 16.92
CA GLY B 107 -6.89 3.81 16.43
C GLY B 107 -7.06 4.70 15.22
N VAL B 108 -6.14 4.58 14.27
CA VAL B 108 -6.18 5.41 13.09
C VAL B 108 -6.07 4.58 11.80
N ASP B 109 -6.68 5.08 10.73
CA ASP B 109 -6.66 4.39 9.43
C ASP B 109 -5.37 4.61 8.64
N VAL B 110 -4.82 5.82 8.69
CA VAL B 110 -3.56 6.08 8.00
C VAL B 110 -2.70 7.06 8.81
N VAL B 111 -1.40 6.84 8.79
CA VAL B 111 -0.48 7.68 9.48
C VAL B 111 0.50 8.26 8.56
N LEU B 112 0.48 9.57 8.35
CA LEU B 112 1.51 10.32 7.58
C LEU B 112 2.69 10.65 8.56
N ASN B 113 3.82 9.91 8.55
CA ASN B 113 4.82 10.12 9.61
C ASN B 113 6.13 10.73 9.14
N SER B 114 6.59 11.65 9.95
CA SER B 114 7.86 12.32 9.71
C SER B 114 8.66 12.34 11.02
N LEU B 115 8.08 11.78 12.08
CA LEU B 115 8.75 11.73 13.39
C LEU B 115 9.65 10.50 13.42
N ALA B 116 10.56 10.44 14.40
CA ALA B 116 11.48 9.33 14.49
C ALA B 116 11.46 8.52 15.79
N GLY B 117 12.19 7.41 15.77
CA GLY B 117 12.29 6.54 16.95
C GLY B 117 11.02 5.83 17.37
N GLU B 118 10.64 6.04 18.62
CA GLU B 118 9.44 5.43 19.18
C GLU B 118 8.16 5.84 18.44
N ALA B 119 8.13 7.07 17.96
CA ALA B 119 6.95 7.55 17.27
C ALA B 119 6.53 6.59 16.17
N ILE B 120 7.50 5.97 15.52
CA ILE B 120 7.20 5.02 14.46
C ILE B 120 6.58 3.75 15.05
N GLN B 121 7.30 3.11 15.96
CA GLN B 121 6.81 1.89 16.59
C GLN B 121 5.41 2.11 17.17
N ARG B 122 5.25 3.18 17.93
CA ARG B 122 3.96 3.53 18.54
C ARG B 122 2.93 3.88 17.48
N GLY B 123 3.39 4.48 16.37
CA GLY B 123 2.49 4.85 15.29
C GLY B 123 1.96 3.63 14.56
N VAL B 124 2.80 2.61 14.40
CA VAL B 124 2.39 1.39 13.71
C VAL B 124 1.44 0.62 14.63
N GLN B 125 1.68 0.70 15.93
CA GLN B 125 0.86 0.00 16.89
C GLN B 125 -0.59 0.50 16.93
N ILE B 126 -0.85 1.75 16.58
CA ILE B 126 -2.22 2.25 16.62
C ILE B 126 -3.00 2.22 15.28
N LEU B 127 -2.48 1.49 14.29
CA LEU B 127 -3.16 1.36 12.99
C LEU B 127 -4.36 0.45 13.20
N ALA B 128 -5.48 0.83 12.61
CA ALA B 128 -6.69 0.02 12.73
C ALA B 128 -6.62 -1.09 11.67
N PRO B 129 -7.47 -2.10 11.79
CA PRO B 129 -7.40 -3.14 10.76
C PRO B 129 -7.49 -2.43 9.41
N GLY B 130 -6.59 -2.77 8.48
CA GLY B 130 -6.60 -2.13 7.18
C GLY B 130 -5.80 -0.84 7.15
N GLY B 131 -5.09 -0.56 8.24
CA GLY B 131 -4.30 0.66 8.33
C GLY B 131 -3.09 0.76 7.42
N ARG B 132 -2.76 1.98 7.04
CA ARG B 132 -1.64 2.26 6.17
C ARG B 132 -0.71 3.30 6.82
N PHE B 133 0.50 2.88 7.15
CA PHE B 133 1.48 3.77 7.75
C PHE B 133 2.47 4.24 6.67
N ILE B 134 2.38 5.49 6.28
CA ILE B 134 3.29 6.02 5.28
C ILE B 134 4.45 6.74 5.97
N GLU B 135 5.67 6.23 5.80
CA GLU B 135 6.85 6.84 6.41
C GLU B 135 7.46 7.83 5.40
N LEU B 136 7.33 9.14 5.65
CA LEU B 136 7.90 10.22 4.80
C LEU B 136 9.31 10.54 5.22
N GLY B 137 9.51 10.36 6.50
CA GLY B 137 10.75 10.66 7.14
C GLY B 137 11.95 9.85 6.66
N LYS B 138 13.07 10.37 7.23
CA LYS B 138 14.42 9.90 7.06
C LYS B 138 14.83 9.90 5.60
N ALA B 145 16.97 -0.33 12.27
CA ALA B 145 15.58 0.11 12.39
C ALA B 145 14.65 -0.91 11.74
N SER B 146 14.40 -2.01 12.44
CA SER B 146 13.54 -3.06 11.93
C SER B 146 12.06 -2.83 12.26
N LEU B 147 11.20 -3.62 11.63
CA LEU B 147 9.76 -3.53 11.84
C LEU B 147 9.21 -4.92 12.11
N GLY B 148 8.49 -5.07 13.22
CA GLY B 148 7.91 -6.36 13.54
C GLY B 148 6.75 -6.58 12.60
N LEU B 149 6.76 -7.69 11.86
CA LEU B 149 5.68 -7.93 10.92
C LEU B 149 4.34 -8.29 11.54
N ALA B 150 4.36 -8.83 12.77
CA ALA B 150 3.11 -9.21 13.44
C ALA B 150 2.15 -8.03 13.54
N ALA B 151 2.72 -6.83 13.70
CA ALA B 151 1.92 -5.63 13.83
C ALA B 151 1.20 -5.23 12.53
N LEU B 152 1.49 -5.92 11.44
CA LEU B 152 0.85 -5.61 10.16
C LEU B 152 -0.16 -6.70 9.80
N ALA B 153 -0.37 -7.63 10.74
CA ALA B 153 -1.26 -8.77 10.56
C ALA B 153 -2.70 -8.50 10.13
N LYS B 154 -3.32 -7.45 10.66
CA LYS B 154 -4.70 -7.16 10.30
C LYS B 154 -4.85 -6.31 9.04
N SER B 155 -4.29 -6.84 7.94
CA SER B 155 -4.35 -6.16 6.64
C SER B 155 -3.73 -4.78 6.67
N ALA B 156 -2.67 -4.62 7.44
CA ALA B 156 -1.99 -3.33 7.53
C ALA B 156 -0.80 -3.30 6.57
N SER B 157 -0.21 -2.11 6.43
CA SER B 157 0.94 -1.97 5.56
C SER B 157 1.86 -0.88 6.05
N PHE B 158 3.06 -0.86 5.49
CA PHE B 158 4.08 0.12 5.83
C PHE B 158 4.71 0.53 4.52
N SER B 159 4.63 1.81 4.20
CA SER B 159 5.18 2.30 2.94
C SER B 159 6.13 3.47 3.15
N VAL B 160 7.29 3.40 2.50
CA VAL B 160 8.28 4.47 2.56
C VAL B 160 8.10 5.29 1.30
N VAL B 161 7.99 6.61 1.47
CA VAL B 161 7.82 7.51 0.33
C VAL B 161 9.02 8.46 0.28
N ASP B 162 9.73 8.41 -0.83
CA ASP B 162 10.89 9.28 -1.03
C ASP B 162 10.62 10.12 -2.27
N LEU B 163 10.01 11.27 -2.08
CA LEU B 163 9.67 12.16 -3.20
C LEU B 163 10.83 12.48 -4.16
N ASP B 164 12.01 12.81 -3.64
CA ASP B 164 13.13 13.13 -4.51
C ASP B 164 13.44 11.95 -5.44
N LEU B 165 13.49 10.75 -4.88
CA LEU B 165 13.77 9.56 -5.67
C LEU B 165 12.66 9.37 -6.71
N ASN B 166 11.41 9.52 -6.28
CA ASN B 166 10.28 9.38 -7.20
C ASN B 166 10.34 10.36 -8.37
N LEU B 167 10.66 11.61 -8.08
CA LEU B 167 10.74 12.65 -9.11
C LEU B 167 11.82 12.31 -10.14
N LYS B 168 12.94 11.80 -9.64
CA LYS B 168 14.06 11.43 -10.50
C LYS B 168 13.73 10.24 -11.40
N LEU B 169 12.97 9.28 -10.87
CA LEU B 169 12.62 8.08 -11.62
C LEU B 169 11.39 8.18 -12.52
N GLN B 170 10.43 9.03 -12.16
CA GLN B 170 9.23 9.20 -12.98
C GLN B 170 8.82 10.68 -13.07
N PRO B 171 9.74 11.53 -13.56
CA PRO B 171 9.45 12.97 -13.68
C PRO B 171 8.17 13.27 -14.43
N ALA B 172 7.91 12.55 -15.51
CA ALA B 172 6.72 12.76 -16.30
C ALA B 172 5.46 12.42 -15.52
N ARG B 173 5.47 11.29 -14.82
CA ARG B 173 4.30 10.90 -14.05
C ARG B 173 3.99 11.93 -12.96
N TYR B 174 5.03 12.48 -12.34
CA TYR B 174 4.84 13.47 -11.30
C TYR B 174 4.48 14.83 -11.86
N ARG B 175 5.02 15.15 -13.03
CA ARG B 175 4.72 16.41 -13.67
C ARG B 175 3.21 16.41 -13.94
N GLN B 176 2.69 15.26 -14.39
CA GLN B 176 1.28 15.12 -14.70
C GLN B 176 0.41 15.09 -13.43
N LEU B 177 0.96 14.59 -12.33
CA LEU B 177 0.21 14.56 -11.08
C LEU B 177 0.07 15.97 -10.55
N LEU B 178 1.06 16.80 -10.82
CA LEU B 178 1.02 18.19 -10.37
C LEU B 178 -0.06 18.96 -11.10
N GLN B 179 -0.31 18.58 -12.36
CA GLN B 179 -1.35 19.22 -13.16
C GLN B 179 -2.71 18.75 -12.67
N HIS B 180 -2.76 17.52 -12.21
CA HIS B 180 -3.99 16.92 -11.69
C HIS B 180 -4.39 17.61 -10.39
N ILE B 181 -3.40 17.89 -9.57
CA ILE B 181 -3.59 18.55 -8.28
C ILE B 181 -4.00 19.98 -8.52
N LEU B 182 -3.27 20.64 -9.41
CA LEU B 182 -3.54 22.05 -9.70
C LEU B 182 -4.91 22.26 -10.31
N GLN B 183 -5.46 21.23 -10.95
CA GLN B 183 -6.79 21.37 -11.53
C GLN B 183 -7.80 21.43 -10.39
N HIS B 184 -7.56 20.64 -9.34
CA HIS B 184 -8.44 20.63 -8.18
C HIS B 184 -8.43 21.98 -7.49
N VAL B 185 -7.25 22.58 -7.41
CA VAL B 185 -7.10 23.89 -6.79
C VAL B 185 -7.84 24.94 -7.63
N ALA B 186 -7.65 24.88 -8.94
CA ALA B 186 -8.29 25.82 -9.84
C ALA B 186 -9.81 25.69 -9.82
N ASP B 187 -10.29 24.45 -9.62
CA ASP B 187 -11.73 24.15 -9.58
C ASP B 187 -12.39 24.54 -8.26
N GLY B 188 -11.58 24.89 -7.28
CA GLY B 188 -12.11 25.26 -5.97
C GLY B 188 -12.39 24.03 -5.13
N LYS B 189 -12.03 22.86 -5.65
CA LYS B 189 -12.23 21.60 -4.92
C LYS B 189 -11.23 21.42 -3.79
N LEU B 190 -9.97 21.73 -4.08
CA LEU B 190 -8.91 21.62 -3.10
C LEU B 190 -8.53 22.99 -2.57
N GLU B 191 -9.05 23.33 -1.39
CA GLU B 191 -8.74 24.62 -0.79
C GLU B 191 -7.35 24.54 -0.17
N VAL B 192 -6.43 25.36 -0.66
CA VAL B 192 -5.06 25.36 -0.16
C VAL B 192 -4.90 26.20 1.10
N LEU B 193 -4.74 25.53 2.24
CA LEU B 193 -4.55 26.21 3.51
C LEU B 193 -3.12 26.74 3.59
N PRO B 194 -2.96 28.05 3.84
CA PRO B 194 -1.63 28.67 3.92
C PRO B 194 -0.88 28.27 5.18
N VAL B 195 0.45 28.23 5.07
CA VAL B 195 1.31 27.88 6.19
C VAL B 195 1.35 29.07 7.15
N THR B 196 0.67 28.94 8.29
CA THR B 196 0.57 30.01 9.27
C THR B 196 1.87 30.26 10.04
N ALA B 197 2.98 29.83 9.46
CA ALA B 197 4.28 30.01 10.08
C ALA B 197 4.83 31.43 9.88
#